data_1LEM
#
_entry.id   1LEM
#
_cell.length_a   85.710
_cell.length_b   85.710
_cell.length_c   165.380
_cell.angle_alpha   90.00
_cell.angle_beta   90.00
_cell.angle_gamma   120.00
#
_symmetry.space_group_name_H-M   'P 65 2 2'
#
loop_
_entity.id
_entity.type
_entity.pdbx_description
1 polymer LECTIN
2 polymer LECTIN
3 non-polymer alpha-D-glucopyranose
4 non-polymer 'CALCIUM ION'
5 non-polymer 'MANGANESE (II) ION'
6 water water
#
loop_
_entity_poly.entity_id
_entity_poly.type
_entity_poly.pdbx_seq_one_letter_code
_entity_poly.pdbx_strand_id
1 'polypeptide(L)'
;TETTSFSITKFSPDQQNLIFQGDGYTTKGKLTLTKAVKSTVGRALYSTPIHIWDRDTGNVANFVTSFTFVIDAPSSYNVA
DGFTFFIAPVDTKPQTGGGYLGVFNSKEYDKTSQTVAVEFDTFYNAAWDPSNKERHIGIDVNSIKSVNTKSWNLQNGERA
NVVIAFNAATNVLTVTLTYPN
;
A
2 'polypeptide(L)' VTSYTLNEVVPLKDVVPEWVRIGFSATTGAEFAAQEVHSWSFNSQLGHTSKS B
#
# COMPACT_ATOMS: atom_id res chain seq x y z
N THR A 1 -17.02 6.43 -20.45
CA THR A 1 -17.06 6.83 -19.06
C THR A 1 -17.33 5.56 -18.30
N GLU A 2 -16.44 5.17 -17.39
CA GLU A 2 -16.81 4.17 -16.47
C GLU A 2 -16.15 4.64 -15.20
N THR A 3 -17.00 4.65 -14.22
CA THR A 3 -16.64 5.08 -12.90
C THR A 3 -16.78 3.91 -11.96
N THR A 4 -16.17 3.98 -10.80
CA THR A 4 -16.34 2.96 -9.82
C THR A 4 -15.93 3.54 -8.50
N SER A 5 -16.60 3.00 -7.48
CA SER A 5 -16.53 3.50 -6.12
C SER A 5 -16.98 2.53 -5.02
N PHE A 6 -16.39 2.62 -3.81
CA PHE A 6 -16.75 1.82 -2.67
C PHE A 6 -16.28 2.37 -1.35
N SER A 7 -16.75 1.76 -0.29
CA SER A 7 -16.48 2.19 1.04
C SER A 7 -16.80 1.06 2.00
N ILE A 8 -15.93 0.52 2.82
CA ILE A 8 -16.30 -0.47 3.78
C ILE A 8 -15.96 0.21 5.09
N THR A 9 -16.77 0.66 6.05
CA THR A 9 -16.31 1.26 7.31
C THR A 9 -16.29 0.18 8.39
N LYS A 10 -16.39 -1.13 8.06
CA LYS A 10 -16.41 -2.12 9.10
C LYS A 10 -16.41 -3.42 8.38
N PHE A 11 -15.56 -4.33 8.71
CA PHE A 11 -15.46 -5.47 7.87
C PHE A 11 -16.22 -6.62 8.39
N SER A 12 -16.96 -7.20 7.49
CA SER A 12 -17.61 -8.44 7.80
C SER A 12 -16.70 -9.63 8.04
N PRO A 13 -17.20 -10.70 8.63
CA PRO A 13 -16.54 -11.98 8.71
C PRO A 13 -16.43 -12.70 7.39
N ASP A 14 -17.32 -12.47 6.42
CA ASP A 14 -17.06 -13.01 5.11
C ASP A 14 -17.22 -11.84 4.19
N GLN A 15 -16.12 -11.12 4.01
CA GLN A 15 -16.09 -10.06 3.05
C GLN A 15 -16.01 -10.81 1.76
N GLN A 16 -17.10 -10.93 1.04
CA GLN A 16 -16.93 -11.67 -0.17
C GLN A 16 -16.39 -10.91 -1.33
N ASN A 17 -16.31 -9.59 -1.18
CA ASN A 17 -15.75 -8.73 -2.21
C ASN A 17 -14.25 -8.48 -2.10
N LEU A 18 -13.54 -9.25 -1.25
CA LEU A 18 -12.13 -9.15 -0.99
C LEU A 18 -11.40 -10.42 -1.32
N ILE A 19 -10.12 -10.38 -1.70
CA ILE A 19 -9.32 -11.59 -1.87
C ILE A 19 -8.22 -11.59 -0.85
N PHE A 20 -8.14 -12.66 -0.11
CA PHE A 20 -7.17 -12.71 0.95
C PHE A 20 -5.99 -13.56 0.54
N GLN A 21 -4.80 -13.10 0.84
CA GLN A 21 -3.61 -13.85 0.53
C GLN A 21 -2.67 -13.93 1.73
N GLY A 22 -2.03 -15.06 1.91
CA GLY A 22 -1.12 -15.20 3.02
C GLY A 22 -1.90 -15.10 4.31
N ASP A 23 -1.54 -14.24 5.23
CA ASP A 23 -2.21 -14.24 6.53
C ASP A 23 -3.33 -13.26 6.77
N GLY A 24 -3.86 -12.68 5.68
CA GLY A 24 -4.96 -11.74 5.86
C GLY A 24 -6.28 -12.41 6.24
N TYR A 25 -7.01 -11.77 7.16
CA TYR A 25 -8.36 -12.19 7.51
C TYR A 25 -9.11 -11.08 8.27
N THR A 26 -10.43 -11.16 8.44
CA THR A 26 -11.27 -10.14 9.10
C THR A 26 -11.73 -10.59 10.47
N THR A 27 -11.62 -9.75 11.47
CA THR A 27 -12.00 -10.12 12.81
C THR A 27 -12.23 -8.80 13.45
N LYS A 28 -13.29 -8.86 14.21
CA LYS A 28 -13.76 -7.74 14.97
C LYS A 28 -14.11 -6.52 14.13
N GLY A 29 -14.49 -6.73 12.89
CA GLY A 29 -14.80 -5.59 12.05
C GLY A 29 -13.52 -4.96 11.52
N LYS A 30 -12.33 -5.54 11.70
CA LYS A 30 -11.10 -5.00 11.15
C LYS A 30 -10.56 -6.03 10.19
N LEU A 31 -9.72 -5.50 9.32
CA LEU A 31 -9.01 -6.33 8.36
C LEU A 31 -7.61 -6.42 8.92
N THR A 32 -7.18 -7.62 9.19
CA THR A 32 -5.90 -7.83 9.81
C THR A 32 -5.02 -8.57 8.83
N LEU A 33 -3.87 -7.97 8.60
CA LEU A 33 -2.95 -8.59 7.67
C LEU A 33 -1.85 -9.48 8.24
N THR A 34 -1.17 -9.01 9.30
CA THR A 34 -0.18 -9.82 9.99
C THR A 34 -0.51 -9.67 11.44
N LYS A 35 -0.45 -10.74 12.20
CA LYS A 35 -0.64 -10.60 13.67
C LYS A 35 0.77 -10.26 14.20
N ALA A 36 1.12 -9.84 15.47
CA ALA A 36 2.55 -9.72 15.85
C ALA A 36 3.28 -11.11 16.06
N VAL A 37 3.69 -11.74 14.93
CA VAL A 37 4.39 -13.01 14.79
C VAL A 37 5.53 -12.66 13.91
N LYS A 38 6.48 -13.55 14.09
CA LYS A 38 7.69 -13.59 13.29
C LYS A 38 7.30 -14.02 11.89
N SER A 39 8.08 -13.46 10.96
CA SER A 39 8.10 -13.90 9.58
C SER A 39 6.84 -14.39 8.88
N THR A 40 5.99 -13.40 8.61
CA THR A 40 4.71 -13.69 7.93
C THR A 40 4.34 -12.56 6.94
N VAL A 41 3.56 -12.95 5.91
CA VAL A 41 3.14 -11.95 4.94
C VAL A 41 1.61 -11.88 4.98
N GLY A 42 0.94 -10.72 4.83
CA GLY A 42 -0.52 -10.62 4.76
C GLY A 42 -0.88 -9.68 3.61
N ARG A 43 -1.75 -10.11 2.68
CA ARG A 43 -2.17 -9.30 1.51
C ARG A 43 -3.68 -9.33 1.43
N ALA A 44 -4.41 -8.25 1.11
CA ALA A 44 -5.84 -8.35 0.81
C ALA A 44 -6.15 -7.49 -0.40
N LEU A 45 -6.76 -8.02 -1.45
CA LEU A 45 -7.09 -7.25 -2.64
C LEU A 45 -8.58 -6.96 -2.79
N TYR A 46 -9.03 -5.84 -3.35
CA TYR A 46 -10.45 -5.66 -3.68
C TYR A 46 -10.67 -6.52 -4.91
N SER A 47 -11.59 -7.50 -5.04
CA SER A 47 -11.69 -8.32 -6.26
C SER A 47 -12.13 -7.72 -7.61
N THR A 48 -12.92 -6.66 -7.83
CA THR A 48 -13.27 -6.21 -9.18
C THR A 48 -12.03 -5.68 -9.89
N PRO A 49 -11.71 -6.00 -11.13
CA PRO A 49 -10.67 -5.35 -11.86
C PRO A 49 -10.97 -3.89 -12.02
N ILE A 50 -10.02 -3.00 -11.79
CA ILE A 50 -10.25 -1.57 -11.98
C ILE A 50 -9.66 -1.27 -13.34
N HIS A 51 -10.31 -0.46 -14.15
CA HIS A 51 -9.83 -0.18 -15.48
C HIS A 51 -9.08 1.11 -15.34
N ILE A 52 -7.73 1.06 -15.31
CA ILE A 52 -6.96 2.26 -15.04
C ILE A 52 -6.53 3.02 -16.28
N TRP A 53 -6.59 2.43 -17.48
CA TRP A 53 -6.47 3.25 -18.68
C TRP A 53 -6.92 2.55 -19.97
N ASP A 54 -6.90 3.20 -21.13
CA ASP A 54 -7.50 2.65 -22.31
C ASP A 54 -6.71 2.63 -23.61
N ARG A 55 -6.24 1.51 -24.23
CA ARG A 55 -5.62 1.36 -25.55
C ARG A 55 -6.18 2.29 -26.60
N ASP A 56 -7.50 2.30 -26.69
CA ASP A 56 -8.29 2.96 -27.73
C ASP A 56 -8.43 4.49 -27.64
N THR A 57 -8.55 5.04 -26.44
CA THR A 57 -8.63 6.49 -26.26
C THR A 57 -7.34 7.08 -25.77
N GLY A 58 -6.48 6.20 -25.25
CA GLY A 58 -5.26 6.58 -24.56
C GLY A 58 -5.52 7.32 -23.26
N ASN A 59 -6.71 7.25 -22.64
CA ASN A 59 -7.01 7.96 -21.42
C ASN A 59 -6.48 7.25 -20.22
N VAL A 60 -6.18 8.03 -19.20
CA VAL A 60 -5.85 7.42 -17.93
C VAL A 60 -6.87 7.96 -16.94
N ALA A 61 -7.11 7.09 -15.93
CA ALA A 61 -8.05 7.38 -14.90
C ALA A 61 -7.61 8.33 -13.80
N ASN A 62 -8.44 9.19 -13.25
CA ASN A 62 -8.07 9.89 -12.03
C ASN A 62 -8.53 8.93 -10.93
N PHE A 63 -8.01 8.99 -9.73
CA PHE A 63 -8.49 8.15 -8.66
C PHE A 63 -8.04 8.67 -7.31
N VAL A 64 -8.73 8.22 -6.26
CA VAL A 64 -8.37 8.54 -4.89
C VAL A 64 -8.82 7.42 -3.98
N THR A 65 -8.11 7.17 -2.92
CA THR A 65 -8.45 6.16 -1.98
C THR A 65 -8.18 6.82 -0.61
N SER A 66 -8.78 6.34 0.47
CA SER A 66 -8.45 6.80 1.81
C SER A 66 -8.68 5.68 2.80
N PHE A 67 -7.76 5.47 3.74
CA PHE A 67 -7.99 4.42 4.68
C PHE A 67 -7.42 4.81 6.02
N THR A 68 -7.49 3.89 6.98
CA THR A 68 -7.17 4.06 8.40
C THR A 68 -6.43 2.80 8.80
N PHE A 69 -5.30 2.90 9.47
CA PHE A 69 -4.61 1.69 9.93
C PHE A 69 -3.73 2.06 11.13
N VAL A 70 -3.36 1.00 11.82
CA VAL A 70 -2.48 1.12 12.97
C VAL A 70 -1.52 -0.02 12.87
N ILE A 71 -0.36 0.29 13.46
CA ILE A 71 0.69 -0.69 13.49
C ILE A 71 0.90 -0.76 14.96
N ASP A 72 0.93 -1.99 15.46
CA ASP A 72 1.05 -2.23 16.88
C ASP A 72 2.13 -3.28 17.22
N ALA A 73 3.14 -2.54 17.74
CA ALA A 73 4.44 -3.06 18.06
C ALA A 73 4.52 -3.31 19.54
N PRO A 74 5.28 -4.36 19.88
CA PRO A 74 5.62 -4.62 21.28
C PRO A 74 6.29 -3.42 21.95
N SER A 75 7.03 -2.58 21.23
CA SER A 75 7.79 -1.45 21.77
C SER A 75 8.12 -0.59 20.58
N SER A 76 8.84 0.52 20.78
CA SER A 76 9.40 1.14 19.59
C SER A 76 10.85 0.78 19.12
N TYR A 77 11.52 -0.33 19.53
CA TYR A 77 12.83 -0.70 18.92
C TYR A 77 12.90 -2.10 18.37
N ASN A 78 11.71 -2.62 18.41
CA ASN A 78 11.43 -3.88 17.82
C ASN A 78 10.17 -3.56 16.99
N VAL A 79 10.29 -3.06 15.75
CA VAL A 79 9.10 -2.78 14.93
C VAL A 79 9.45 -3.27 13.52
N ALA A 80 8.80 -4.20 12.95
CA ALA A 80 9.10 -4.58 11.58
C ALA A 80 7.77 -5.10 11.01
N ASP A 81 7.41 -5.13 9.73
CA ASP A 81 8.25 -4.68 8.68
C ASP A 81 7.81 -3.61 7.74
N GLY A 82 6.49 -3.39 7.80
CA GLY A 82 5.91 -2.35 6.97
C GLY A 82 4.50 -2.68 6.56
N PHE A 83 3.99 -1.92 5.62
CA PHE A 83 2.66 -1.89 5.21
C PHE A 83 2.64 -1.13 3.91
N THR A 84 1.91 -1.61 2.89
CA THR A 84 1.80 -1.02 1.54
C THR A 84 0.41 -1.00 1.00
N PHE A 85 0.12 0.02 0.23
CA PHE A 85 -1.08 0.08 -0.54
C PHE A 85 -0.47 -0.05 -1.94
N PHE A 86 -0.94 -0.97 -2.79
CA PHE A 86 -0.42 -1.06 -4.13
C PHE A 86 -1.44 -1.27 -5.24
N ILE A 87 -0.99 -1.08 -6.49
CA ILE A 87 -1.80 -1.15 -7.69
C ILE A 87 -1.03 -2.22 -8.49
N ALA A 88 -1.57 -3.35 -8.96
CA ALA A 88 -0.79 -4.46 -9.52
C ALA A 88 -1.56 -5.10 -10.65
N PRO A 89 -0.97 -6.00 -11.42
CA PRO A 89 -1.68 -6.80 -12.39
C PRO A 89 -2.67 -7.63 -11.64
N VAL A 90 -3.70 -7.91 -12.39
CA VAL A 90 -4.86 -8.60 -11.90
C VAL A 90 -4.56 -9.94 -11.29
N ASP A 91 -3.66 -10.73 -11.81
CA ASP A 91 -3.40 -11.99 -11.13
C ASP A 91 -2.38 -11.96 -9.99
N THR A 92 -2.12 -10.78 -9.45
CA THR A 92 -1.10 -10.65 -8.45
C THR A 92 -1.22 -11.63 -7.30
N LYS A 93 -0.01 -12.09 -6.99
CA LYS A 93 0.27 -13.03 -5.91
C LYS A 93 1.33 -12.49 -4.96
N PRO A 94 1.58 -12.96 -3.74
CA PRO A 94 2.51 -12.32 -2.81
C PRO A 94 3.91 -12.72 -3.22
N GLN A 95 4.73 -11.70 -3.28
CA GLN A 95 6.13 -11.82 -3.70
C GLN A 95 7.03 -12.07 -2.51
N THR A 96 8.24 -11.49 -2.47
CA THR A 96 9.08 -11.71 -1.32
C THR A 96 8.79 -10.75 -0.15
N GLY A 97 8.79 -11.52 0.93
CA GLY A 97 8.48 -11.09 2.29
C GLY A 97 9.49 -10.15 2.93
N GLY A 98 9.44 -10.17 4.26
CA GLY A 98 10.29 -9.34 5.11
C GLY A 98 10.49 -7.90 4.60
N GLY A 99 11.69 -7.37 4.37
CA GLY A 99 11.88 -5.98 3.98
C GLY A 99 11.37 -5.64 2.59
N TYR A 100 11.02 -6.68 1.74
CA TYR A 100 10.48 -6.54 0.38
C TYR A 100 8.96 -6.32 0.38
N LEU A 101 8.38 -6.49 1.60
CA LEU A 101 7.02 -6.11 2.00
C LEU A 101 5.96 -6.84 1.24
N GLY A 102 6.27 -8.04 0.73
CA GLY A 102 5.26 -8.78 0.01
C GLY A 102 5.00 -8.37 -1.44
N VAL A 103 5.45 -7.22 -1.89
CA VAL A 103 5.17 -6.89 -3.26
C VAL A 103 6.31 -6.90 -4.26
N PHE A 104 7.57 -6.93 -3.82
CA PHE A 104 8.71 -6.96 -4.76
C PHE A 104 9.72 -8.09 -4.48
N ASN A 105 10.73 -8.12 -5.35
CA ASN A 105 11.76 -9.13 -5.20
C ASN A 105 13.16 -8.58 -5.36
N SER A 106 13.47 -7.33 -5.76
CA SER A 106 14.84 -6.81 -5.75
C SER A 106 14.79 -5.32 -5.58
N LYS A 107 15.95 -4.69 -5.54
CA LYS A 107 15.92 -3.23 -5.55
C LYS A 107 16.28 -2.76 -6.96
N GLU A 108 16.42 -3.74 -7.85
CA GLU A 108 16.83 -3.43 -9.21
C GLU A 108 15.59 -3.17 -10.01
N TYR A 109 15.37 -2.07 -10.71
CA TYR A 109 14.12 -1.90 -11.45
C TYR A 109 13.67 -3.07 -12.33
N ASP A 110 12.59 -3.79 -12.02
CA ASP A 110 12.12 -4.85 -12.86
C ASP A 110 10.86 -4.45 -13.58
N LYS A 111 10.97 -4.33 -14.88
CA LYS A 111 9.83 -3.90 -15.65
C LYS A 111 8.72 -4.91 -15.59
N THR A 112 8.98 -6.20 -15.44
CA THR A 112 7.90 -7.17 -15.44
C THR A 112 6.95 -7.04 -14.27
N SER A 113 7.42 -6.31 -13.31
CA SER A 113 6.75 -6.17 -12.06
C SER A 113 5.35 -5.64 -12.22
N GLN A 114 5.32 -4.56 -13.01
CA GLN A 114 4.10 -3.78 -13.16
C GLN A 114 3.43 -3.47 -11.81
N THR A 115 4.13 -2.98 -10.77
CA THR A 115 3.49 -2.68 -9.52
C THR A 115 3.81 -1.30 -9.00
N VAL A 116 2.90 -0.46 -8.61
CA VAL A 116 3.20 0.80 -8.00
C VAL A 116 2.85 0.56 -6.56
N ALA A 117 3.71 0.87 -5.61
CA ALA A 117 3.39 0.64 -4.21
C ALA A 117 3.64 1.91 -3.45
N VAL A 118 2.82 2.25 -2.46
CA VAL A 118 3.17 3.35 -1.59
C VAL A 118 3.55 2.63 -0.29
N GLU A 119 4.60 2.94 0.45
CA GLU A 119 4.94 2.14 1.60
C GLU A 119 5.12 3.00 2.83
N PHE A 120 4.91 2.29 3.94
CA PHE A 120 5.07 2.82 5.29
C PHE A 120 6.01 1.81 5.92
N ASP A 121 7.32 2.18 5.77
CA ASP A 121 8.44 1.30 6.14
C ASP A 121 8.95 1.56 7.53
N THR A 122 8.98 0.48 8.32
CA THR A 122 9.26 0.61 9.75
C THR A 122 10.59 0.05 10.14
N PHE A 123 11.34 -0.36 9.12
CA PHE A 123 12.58 -1.04 9.37
C PHE A 123 13.57 -0.84 8.24
N TYR A 124 14.79 -0.36 8.66
CA TYR A 124 15.89 -0.07 7.73
C TYR A 124 16.61 -1.33 7.24
N ASN A 125 16.55 -1.40 5.93
CA ASN A 125 17.19 -2.46 5.20
C ASN A 125 18.23 -1.58 4.56
N ALA A 126 19.38 -1.86 5.17
CA ALA A 126 20.57 -1.12 4.86
C ALA A 126 20.95 -0.95 3.38
N ALA A 127 20.73 -2.10 2.71
CA ALA A 127 20.92 -2.29 1.30
C ALA A 127 20.07 -1.41 0.37
N TRP A 128 18.99 -0.69 0.77
CA TRP A 128 18.16 0.10 -0.16
C TRP A 128 17.41 1.22 0.52
N ASP A 129 17.26 1.11 1.84
CA ASP A 129 16.45 2.09 2.53
C ASP A 129 17.33 3.30 2.79
N PRO A 130 16.79 4.52 2.89
CA PRO A 130 17.53 5.75 3.20
C PRO A 130 18.51 5.58 4.33
N SER A 131 19.72 5.90 3.94
CA SER A 131 20.87 5.98 4.81
C SER A 131 20.53 6.74 6.13
N ASN A 132 19.64 7.76 6.21
CA ASN A 132 19.36 8.40 7.52
C ASN A 132 18.78 7.52 8.64
N LYS A 133 18.45 6.27 8.31
CA LYS A 133 17.92 5.18 9.16
C LYS A 133 16.59 5.32 9.86
N GLU A 134 15.86 6.27 9.27
CA GLU A 134 14.54 6.70 9.66
C GLU A 134 13.42 5.96 8.92
N ARG A 135 12.33 5.93 9.70
CA ARG A 135 11.08 5.41 9.26
C ARG A 135 10.53 6.41 8.28
N HIS A 136 9.90 5.88 7.24
CA HIS A 136 9.56 6.69 6.09
C HIS A 136 8.38 6.22 5.29
N ILE A 137 7.77 7.18 4.62
CA ILE A 137 6.74 6.99 3.65
C ILE A 137 7.52 6.93 2.36
N GLY A 138 7.30 6.02 1.42
CA GLY A 138 8.00 6.02 0.16
C GLY A 138 7.04 5.65 -0.99
N ILE A 139 7.35 6.11 -2.23
CA ILE A 139 6.66 5.82 -3.49
C ILE A 139 7.60 4.87 -4.24
N ASP A 140 7.26 3.67 -4.62
CA ASP A 140 8.17 2.81 -5.35
C ASP A 140 7.50 2.37 -6.62
N VAL A 141 8.33 2.21 -7.64
CA VAL A 141 7.84 1.80 -8.92
C VAL A 141 8.75 0.67 -9.30
N ASN A 142 8.22 -0.48 -9.62
CA ASN A 142 8.96 -1.65 -10.10
C ASN A 142 10.20 -2.12 -9.37
N SER A 143 10.34 -1.73 -8.11
CA SER A 143 11.53 -1.97 -7.31
C SER A 143 11.24 -1.72 -5.83
N ILE A 144 11.92 -2.45 -4.91
CA ILE A 144 11.83 -2.11 -3.50
C ILE A 144 12.56 -0.83 -3.05
N LYS A 145 13.34 -0.22 -3.94
CA LYS A 145 14.02 1.05 -3.71
C LYS A 145 13.15 2.27 -4.00
N SER A 146 12.58 2.95 -3.03
CA SER A 146 11.70 4.06 -3.36
C SER A 146 12.31 5.11 -4.26
N VAL A 147 11.59 5.57 -5.24
CA VAL A 147 12.06 6.65 -6.08
C VAL A 147 11.91 7.93 -5.30
N ASN A 148 11.27 7.93 -4.13
CA ASN A 148 11.18 9.16 -3.36
C ASN A 148 10.63 8.81 -2.01
N THR A 149 11.06 9.51 -0.96
CA THR A 149 10.71 9.20 0.42
C THR A 149 10.48 10.49 1.24
N LYS A 150 9.88 10.26 2.41
CA LYS A 150 9.61 11.24 3.46
C LYS A 150 9.79 10.50 4.80
N SER A 151 10.50 11.03 5.80
CA SER A 151 10.65 10.32 7.06
C SER A 151 9.51 10.75 8.00
N TRP A 152 8.90 9.73 8.63
CA TRP A 152 7.69 9.86 9.45
C TRP A 152 7.87 9.15 10.78
N ASN A 153 7.26 9.67 11.84
CA ASN A 153 7.54 9.06 13.13
C ASN A 153 6.41 8.22 13.58
N LEU A 154 6.66 6.90 13.43
CA LEU A 154 5.67 5.88 13.77
C LEU A 154 5.02 6.19 15.08
N GLN A 155 3.71 6.37 15.26
CA GLN A 155 3.18 6.52 16.61
C GLN A 155 2.58 5.17 16.98
N ASN A 156 3.39 4.24 17.50
CA ASN A 156 2.97 2.86 17.71
C ASN A 156 1.69 2.75 18.51
N GLY A 157 0.73 2.16 17.80
CA GLY A 157 -0.62 1.94 18.29
C GLY A 157 -1.66 2.97 17.82
N GLU A 158 -1.33 4.15 17.25
CA GLU A 158 -2.33 5.15 16.87
C GLU A 158 -2.92 4.87 15.49
N ARG A 159 -4.04 5.53 15.21
CA ARG A 159 -4.74 5.40 13.97
C ARG A 159 -4.48 6.57 13.07
N ALA A 160 -3.81 6.10 12.03
CA ALA A 160 -3.35 6.97 11.00
C ALA A 160 -4.46 7.14 9.95
N ASN A 161 -4.66 8.33 9.38
CA ASN A 161 -5.64 8.50 8.30
C ASN A 161 -4.81 8.78 7.09
N VAL A 162 -4.93 7.98 6.04
CA VAL A 162 -4.17 8.15 4.83
C VAL A 162 -5.13 8.58 3.71
N VAL A 163 -4.75 9.39 2.73
CA VAL A 163 -5.49 9.69 1.53
C VAL A 163 -4.47 9.57 0.42
N ILE A 164 -4.70 8.84 -0.69
CA ILE A 164 -3.77 8.79 -1.80
C ILE A 164 -4.52 9.29 -3.01
N ALA A 165 -4.03 10.22 -3.83
CA ALA A 165 -4.78 10.67 -4.98
C ALA A 165 -3.85 10.63 -6.16
N PHE A 166 -4.35 10.43 -7.36
CA PHE A 166 -3.52 10.39 -8.54
C PHE A 166 -4.26 11.30 -9.51
N ASN A 167 -3.53 12.16 -10.23
CA ASN A 167 -4.17 13.04 -11.15
C ASN A 167 -3.64 12.75 -12.52
N ALA A 168 -4.58 12.51 -13.42
CA ALA A 168 -4.20 11.96 -14.67
C ALA A 168 -3.78 12.96 -15.70
N ALA A 169 -4.03 14.26 -15.48
CA ALA A 169 -3.56 15.38 -16.35
C ALA A 169 -2.11 15.83 -16.12
N THR A 170 -1.68 15.46 -14.92
CA THR A 170 -0.42 15.86 -14.36
C THR A 170 0.53 14.75 -13.99
N ASN A 171 0.00 13.54 -14.02
CA ASN A 171 0.73 12.36 -13.67
C ASN A 171 1.38 12.34 -12.34
N VAL A 172 0.76 13.08 -11.44
CA VAL A 172 1.23 13.20 -10.08
C VAL A 172 0.42 12.38 -9.09
N LEU A 173 1.15 11.57 -8.34
CA LEU A 173 0.62 10.72 -7.33
C LEU A 173 0.99 11.38 -6.00
N THR A 174 0.04 11.68 -5.11
CA THR A 174 0.33 12.24 -3.79
C THR A 174 -0.19 11.37 -2.67
N VAL A 175 0.49 11.44 -1.53
CA VAL A 175 0.25 10.67 -0.30
C VAL A 175 0.15 11.63 0.90
N THR A 176 -0.87 11.71 1.76
CA THR A 176 -0.66 12.47 2.98
C THR A 176 -1.05 11.54 4.11
N LEU A 177 -0.41 11.59 5.26
CA LEU A 177 -0.70 10.73 6.40
C LEU A 177 -1.06 11.66 7.56
N THR A 178 -2.09 11.43 8.37
CA THR A 178 -2.40 12.27 9.52
C THR A 178 -2.53 11.48 10.79
N TYR A 179 -1.90 12.00 11.82
CA TYR A 179 -2.09 11.49 13.15
C TYR A 179 -2.95 12.50 13.81
N PRO A 180 -3.85 12.02 14.68
CA PRO A 180 -4.82 12.82 15.46
C PRO A 180 -4.26 13.91 16.41
N ASN A 181 -3.21 13.47 17.10
CA ASN A 181 -2.43 14.25 18.03
C ASN A 181 -1.14 14.48 17.26
N VAL B 1 -2.50 17.39 15.71
CA VAL B 1 -2.55 16.76 14.42
C VAL B 1 -1.22 16.89 13.70
N THR B 2 -0.73 15.74 13.30
CA THR B 2 0.57 15.64 12.71
C THR B 2 0.49 15.07 11.33
N SER B 3 0.66 15.89 10.31
CA SER B 3 0.56 15.38 8.95
C SER B 3 1.86 15.29 8.18
N TYR B 4 2.00 14.40 7.23
CA TYR B 4 3.21 14.27 6.43
C TYR B 4 2.75 14.22 4.96
N THR B 5 3.30 14.90 3.95
CA THR B 5 2.86 14.75 2.57
C THR B 5 4.05 14.40 1.72
N LEU B 6 3.90 13.48 0.78
CA LEU B 6 4.94 13.17 -0.14
C LEU B 6 4.23 13.28 -1.50
N ASN B 7 4.91 13.67 -2.56
CA ASN B 7 4.41 13.49 -3.94
C ASN B 7 5.44 13.41 -5.05
N GLU B 8 5.03 12.80 -6.16
CA GLU B 8 5.95 12.47 -7.21
C GLU B 8 5.19 12.35 -8.51
N VAL B 9 5.89 12.32 -9.62
CA VAL B 9 5.25 12.06 -10.88
C VAL B 9 5.43 10.59 -11.19
N VAL B 10 4.33 9.85 -11.34
CA VAL B 10 4.44 8.49 -11.79
C VAL B 10 3.69 8.50 -13.10
N PRO B 11 4.18 7.83 -14.13
CA PRO B 11 3.50 7.71 -15.41
C PRO B 11 2.84 6.31 -15.53
N LEU B 12 1.65 6.32 -14.95
CA LEU B 12 0.89 5.09 -14.77
C LEU B 12 0.68 4.31 -16.04
N LYS B 13 0.36 4.96 -17.18
CA LYS B 13 0.05 4.29 -18.45
C LYS B 13 1.16 3.36 -18.89
N ASP B 14 2.37 3.71 -18.46
CA ASP B 14 3.54 2.96 -18.86
C ASP B 14 4.02 1.99 -17.80
N VAL B 15 3.57 2.00 -16.55
CA VAL B 15 4.11 1.05 -15.59
C VAL B 15 3.25 -0.18 -15.46
N VAL B 16 1.94 0.10 -15.53
CA VAL B 16 0.86 -0.87 -15.26
C VAL B 16 -0.10 -1.18 -16.44
N PRO B 17 -0.68 -2.41 -16.51
CA PRO B 17 -1.60 -2.85 -17.55
C PRO B 17 -2.91 -2.09 -17.50
N GLU B 18 -3.69 -2.14 -18.59
CA GLU B 18 -4.93 -1.35 -18.55
C GLU B 18 -5.92 -1.64 -17.41
N TRP B 19 -5.90 -2.90 -16.95
CA TRP B 19 -6.77 -3.50 -15.94
C TRP B 19 -5.87 -3.91 -14.78
N VAL B 20 -6.18 -3.52 -13.53
CA VAL B 20 -5.32 -3.79 -12.38
C VAL B 20 -6.19 -4.22 -11.21
N ARG B 21 -5.65 -4.94 -10.23
CA ARG B 21 -6.34 -5.02 -8.96
C ARG B 21 -5.72 -4.04 -7.96
N ILE B 22 -6.34 -3.60 -6.85
CA ILE B 22 -5.75 -2.72 -5.83
C ILE B 22 -5.81 -3.44 -4.50
N GLY B 23 -5.07 -3.02 -3.46
CA GLY B 23 -5.05 -3.80 -2.21
C GLY B 23 -4.05 -3.32 -1.21
N PHE B 24 -3.84 -4.14 -0.21
CA PHE B 24 -2.96 -3.80 0.87
C PHE B 24 -1.98 -4.96 1.13
N SER B 25 -0.72 -4.62 1.48
CA SER B 25 0.33 -5.59 1.86
C SER B 25 1.08 -5.28 3.15
N ALA B 26 1.46 -6.34 3.88
CA ALA B 26 2.31 -6.24 5.08
C ALA B 26 3.14 -7.48 5.36
N THR B 27 4.25 -7.31 6.08
CA THR B 27 5.20 -8.39 6.34
C THR B 27 5.92 -8.16 7.65
N THR B 28 6.40 -9.25 8.21
CA THR B 28 7.26 -9.22 9.37
C THR B 28 8.40 -10.21 9.00
N GLY B 29 9.44 -10.14 9.83
CA GLY B 29 10.58 -11.03 9.72
C GLY B 29 11.05 -11.30 11.14
N ALA B 30 12.34 -10.98 11.31
CA ALA B 30 13.08 -11.17 12.56
C ALA B 30 12.37 -10.37 13.63
N GLU B 31 12.22 -9.09 13.31
CA GLU B 31 11.39 -8.29 14.19
C GLU B 31 9.92 -8.39 13.64
N PHE B 32 8.89 -7.80 14.27
CA PHE B 32 7.51 -7.87 13.82
C PHE B 32 6.62 -6.78 14.44
N ALA B 33 5.32 -6.81 14.08
CA ALA B 33 4.20 -5.96 14.56
C ALA B 33 2.88 -6.50 13.96
N ALA B 34 1.79 -5.98 14.49
CA ALA B 34 0.50 -6.26 13.96
C ALA B 34 0.09 -5.06 13.10
N GLN B 35 -0.27 -5.27 11.83
CA GLN B 35 -0.83 -4.20 10.98
C GLN B 35 -2.26 -4.49 10.55
N GLU B 36 -3.12 -3.46 10.71
CA GLU B 36 -4.57 -3.58 10.57
C GLU B 36 -5.32 -2.41 9.95
N VAL B 37 -6.21 -2.67 8.96
CA VAL B 37 -7.02 -1.62 8.38
C VAL B 37 -8.38 -1.68 9.06
N HIS B 38 -8.74 -0.48 9.40
CA HIS B 38 -9.99 -0.23 10.06
C HIS B 38 -10.99 0.37 9.08
N SER B 39 -10.71 0.94 7.90
CA SER B 39 -11.74 1.41 7.00
C SER B 39 -11.15 1.65 5.62
N TRP B 40 -11.84 1.58 4.51
CA TRP B 40 -11.20 1.71 3.23
C TRP B 40 -12.27 2.24 2.30
N SER B 41 -11.98 3.27 1.51
CA SER B 41 -12.88 3.72 0.49
C SER B 41 -12.12 4.16 -0.77
N PHE B 42 -12.72 4.02 -1.95
CA PHE B 42 -12.06 4.25 -3.22
C PHE B 42 -13.01 4.82 -4.25
N ASN B 43 -12.59 5.66 -5.17
CA ASN B 43 -13.36 6.14 -6.30
C ASN B 43 -12.38 6.41 -7.47
N SER B 44 -12.70 5.98 -8.68
CA SER B 44 -12.00 6.42 -9.86
C SER B 44 -12.97 6.72 -10.96
N GLN B 45 -12.57 7.50 -11.95
CA GLN B 45 -13.42 7.91 -13.03
C GLN B 45 -12.49 7.78 -14.19
N LEU B 46 -12.73 6.96 -15.20
CA LEU B 46 -11.88 6.91 -16.38
C LEU B 46 -12.75 7.38 -17.52
N GLY B 47 -12.19 8.28 -18.29
CA GLY B 47 -12.82 8.80 -19.47
C GLY B 47 -13.55 10.06 -19.01
#